data_8RF5
#
_entry.id   8RF5
#
_cell.length_a   36.845
_cell.length_b   36.845
_cell.length_c   140.913
_cell.angle_alpha   90.00
_cell.angle_beta   90.00
_cell.angle_gamma   90.00
#
_symmetry.space_group_name_H-M   'P 43 21 2'
#
loop_
_entity.id
_entity.type
_entity.pdbx_description
1 polymer 'Host translation inhibitor nsp1'
2 non-polymer 6-fluoro-1,3-benzothiazol-2-amine
3 water water
#
_entity_poly.entity_id   1
_entity_poly.type   'polypeptide(L)'
_entity_poly.pdbx_seq_one_letter_code
;MEKTHVQLSLPVLQVRDVLVRGFGDSVEEVLSEARQHLKDGTCGLVEVEKGVLPQLEQPYVFIKRSDARTAPHGHVMVEL
VAELEGIQYGRSGETLGVLVPHVGEIPVAYRKVLLRKN
;
_entity_poly.pdbx_strand_id   A
#
loop_
_chem_comp.id
_chem_comp.type
_chem_comp.name
_chem_comp.formula
FBB non-polymer 6-fluoro-1,3-benzothiazol-2-amine 'C7 H5 F N2 S'
#
# COMPACT_ATOMS: atom_id res chain seq x y z
N MET A 1 -22.27 0.94 0.04
CA MET A 1 -22.32 2.29 0.58
C MET A 1 -20.96 2.78 1.01
N GLU A 2 -19.97 2.09 0.48
CA GLU A 2 -18.59 2.50 0.61
C GLU A 2 -18.43 3.80 -0.14
N LYS A 3 -18.03 4.87 0.56
CA LYS A 3 -17.58 6.07 -0.14
C LYS A 3 -16.45 5.69 -1.08
N THR A 4 -16.26 6.48 -2.13
CA THR A 4 -15.26 6.09 -3.11
C THR A 4 -13.84 6.21 -2.59
N HIS A 5 -13.60 7.09 -1.64
CA HIS A 5 -12.26 7.28 -1.11
C HIS A 5 -12.33 7.33 0.41
N VAL A 6 -11.22 6.99 1.07
CA VAL A 6 -11.16 7.02 2.53
C VAL A 6 -9.84 7.61 2.96
N GLN A 7 -9.89 8.52 3.93
CA GLN A 7 -8.70 9.12 4.50
C GLN A 7 -8.09 8.17 5.51
N LEU A 8 -6.83 7.86 5.34
CA LEU A 8 -6.12 6.95 6.23
C LEU A 8 -4.77 7.53 6.59
N SER A 9 -4.29 7.23 7.80
CA SER A 9 -2.91 7.51 8.20
C SER A 9 -2.22 6.16 8.37
N LEU A 10 -1.28 5.85 7.45
CA LEU A 10 -0.65 4.53 7.44
C LEU A 10 0.68 4.54 8.17
N PRO A 11 0.93 3.58 9.03
CA PRO A 11 2.27 3.48 9.67
C PRO A 11 3.32 3.08 8.64
N VAL A 12 4.42 3.81 8.64
CA VAL A 12 5.55 3.54 7.75
C VAL A 12 6.52 2.64 8.51
N LEU A 13 6.82 1.49 7.94
CA LEU A 13 7.64 0.47 8.60
C LEU A 13 8.97 0.35 7.87
N GLN A 14 10.02 0.05 8.63
CA GLN A 14 11.30 -0.31 8.05
C GLN A 14 11.26 -1.77 7.61
N VAL A 15 11.83 -2.05 6.44
CA VAL A 15 11.67 -3.36 5.84
C VAL A 15 12.16 -4.47 6.75
N ARG A 16 13.27 -4.24 7.47
CA ARG A 16 13.82 -5.32 8.30
C ARG A 16 12.96 -5.63 9.51
N ASP A 17 12.02 -4.74 9.87
CA ASP A 17 11.12 -5.03 10.97
C ASP A 17 9.89 -5.83 10.57
N VAL A 18 9.56 -5.90 9.28
CA VAL A 18 8.30 -6.45 8.86
C VAL A 18 8.26 -7.95 9.10
N LEU A 19 7.24 -8.40 9.83
CA LEU A 19 7.12 -9.82 10.17
C LEU A 19 6.40 -10.62 9.09
N VAL A 20 5.39 -10.05 8.45
CA VAL A 20 4.58 -10.71 7.42
C VAL A 20 4.82 -9.95 6.14
N ARG A 21 5.57 -10.54 5.22
CA ARG A 21 6.21 -9.78 4.16
C ARG A 21 5.38 -9.65 2.89
N GLY A 22 4.11 -10.00 2.93
CA GLY A 22 3.21 -9.78 1.83
C GLY A 22 1.83 -10.26 2.24
N PHE A 23 0.89 -10.15 1.31
CA PHE A 23 -0.52 -10.39 1.59
C PHE A 23 -1.03 -11.72 1.04
N GLY A 24 -0.22 -12.50 0.34
CA GLY A 24 -0.78 -13.71 -0.23
C GLY A 24 -0.08 -14.08 -1.53
N ASP A 25 -0.76 -14.94 -2.30
CA ASP A 25 -0.09 -15.79 -3.28
C ASP A 25 -0.52 -15.56 -4.72
N SER A 26 -1.42 -14.62 -4.97
CA SER A 26 -1.87 -14.29 -6.31
C SER A 26 -2.24 -12.82 -6.32
N VAL A 27 -2.33 -12.26 -7.52
CA VAL A 27 -2.66 -10.84 -7.66
C VAL A 27 -4.02 -10.54 -7.02
N GLU A 28 -5.02 -11.36 -7.30
N GLU A 28 -5.02 -11.36 -7.32
CA GLU A 28 -6.35 -11.08 -6.77
CA GLU A 28 -6.35 -11.14 -6.78
C GLU A 28 -6.39 -11.24 -5.26
C GLU A 28 -6.36 -11.22 -5.26
N GLU A 29 -5.64 -12.20 -4.71
CA GLU A 29 -5.59 -12.37 -3.27
C GLU A 29 -4.91 -11.18 -2.60
N VAL A 30 -3.78 -10.74 -3.13
CA VAL A 30 -3.07 -9.66 -2.43
C VAL A 30 -3.86 -8.36 -2.45
N LEU A 31 -4.56 -8.06 -3.55
CA LEU A 31 -5.37 -6.85 -3.58
C LEU A 31 -6.52 -6.98 -2.60
N SER A 32 -7.14 -8.17 -2.53
CA SER A 32 -8.26 -8.39 -1.62
C SER A 32 -7.81 -8.24 -0.16
N GLU A 33 -6.72 -8.91 0.20
CA GLU A 33 -6.19 -8.85 1.56
C GLU A 33 -5.71 -7.45 1.93
N ALA A 34 -5.06 -6.76 1.00
CA ALA A 34 -4.65 -5.38 1.27
C ALA A 34 -5.86 -4.54 1.62
N ARG A 35 -6.94 -4.63 0.81
CA ARG A 35 -8.15 -3.87 1.09
C ARG A 35 -8.73 -4.21 2.45
N GLN A 36 -8.76 -5.51 2.81
CA GLN A 36 -9.29 -5.90 4.12
C GLN A 36 -8.45 -5.35 5.26
N HIS A 37 -7.12 -5.40 5.13
CA HIS A 37 -6.27 -4.88 6.19
C HIS A 37 -6.36 -3.36 6.28
N LEU A 38 -6.52 -2.67 5.14
CA LEU A 38 -6.75 -1.22 5.19
C LEU A 38 -8.03 -0.92 5.96
N LYS A 39 -9.09 -1.67 5.69
CA LYS A 39 -10.36 -1.46 6.37
C LYS A 39 -10.26 -1.72 7.87
N ASP A 40 -9.45 -2.69 8.28
CA ASP A 40 -9.30 -3.09 9.68
C ASP A 40 -8.24 -2.27 10.43
N GLY A 41 -7.52 -1.38 9.75
CA GLY A 41 -6.45 -0.63 10.37
C GLY A 41 -5.22 -1.46 10.69
N THR A 42 -4.97 -2.49 9.90
CA THR A 42 -3.84 -3.39 10.12
C THR A 42 -2.95 -3.48 8.89
N CYS A 43 -2.72 -2.34 8.24
CA CYS A 43 -1.90 -2.26 7.04
C CYS A 43 -0.79 -1.24 7.26
N GLY A 44 0.45 -1.64 6.94
CA GLY A 44 1.58 -0.74 6.97
C GLY A 44 2.08 -0.43 5.56
N LEU A 45 3.06 0.48 5.51
CA LEU A 45 3.64 0.96 4.27
CA LEU A 45 3.64 0.96 4.27
C LEU A 45 5.15 0.92 4.40
N VAL A 46 5.83 0.35 3.40
CA VAL A 46 7.29 0.34 3.35
C VAL A 46 7.70 1.22 2.18
N GLU A 47 8.54 2.23 2.43
CA GLU A 47 9.02 3.07 1.33
C GLU A 47 10.08 2.31 0.54
N VAL A 48 9.98 2.42 -0.79
CA VAL A 48 10.86 1.64 -1.67
C VAL A 48 12.19 2.37 -1.87
N GLU A 49 13.28 1.68 -1.53
CA GLU A 49 14.65 2.06 -1.83
C GLU A 49 15.35 0.81 -2.36
N LYS A 50 16.59 0.98 -2.82
CA LYS A 50 17.38 -0.19 -3.23
C LYS A 50 17.40 -1.23 -2.11
N GLY A 51 17.16 -2.49 -2.47
CA GLY A 51 17.19 -3.59 -1.53
C GLY A 51 15.86 -3.93 -0.89
N VAL A 52 14.83 -3.08 -1.03
CA VAL A 52 13.58 -3.32 -0.32
C VAL A 52 12.78 -4.44 -0.97
N LEU A 53 12.47 -4.30 -2.25
CA LEU A 53 11.61 -5.30 -2.87
C LEU A 53 12.16 -6.72 -2.79
N PRO A 54 13.46 -6.97 -2.96
CA PRO A 54 13.96 -8.35 -2.79
C PRO A 54 13.80 -8.89 -1.38
N GLN A 55 13.56 -8.04 -0.38
CA GLN A 55 13.30 -8.46 0.99
C GLN A 55 11.82 -8.64 1.28
N LEU A 56 10.95 -8.42 0.30
CA LEU A 56 9.52 -8.61 0.46
C LEU A 56 9.06 -9.72 -0.49
N GLU A 57 7.81 -10.13 -0.38
CA GLU A 57 7.30 -11.29 -1.10
C GLU A 57 6.33 -10.86 -2.19
N GLN A 58 6.54 -11.37 -3.40
CA GLN A 58 5.59 -11.18 -4.47
C GLN A 58 4.38 -12.10 -4.32
N PRO A 59 3.25 -11.73 -4.92
CA PRO A 59 2.97 -10.42 -5.57
C PRO A 59 3.03 -9.25 -4.61
N TYR A 60 3.50 -8.10 -5.12
CA TYR A 60 3.56 -6.86 -4.35
C TYR A 60 2.26 -6.09 -4.53
N VAL A 61 1.88 -5.33 -3.51
CA VAL A 61 0.82 -4.33 -3.62
C VAL A 61 1.44 -2.96 -3.40
N PHE A 62 1.38 -2.11 -4.41
CA PHE A 62 1.84 -0.72 -4.27
C PHE A 62 0.66 0.22 -4.08
N ILE A 63 0.90 1.33 -3.37
CA ILE A 63 0.02 2.49 -3.50
C ILE A 63 0.73 3.51 -4.37
N LYS A 64 0.01 4.02 -5.37
CA LYS A 64 0.53 4.94 -6.35
C LYS A 64 -0.35 6.18 -6.40
N ARG A 65 0.29 7.31 -6.72
CA ARG A 65 -0.45 8.59 -6.75
C ARG A 65 -1.43 8.58 -7.92
N SER A 66 -2.69 8.92 -7.62
CA SER A 66 -3.73 8.85 -8.64
C SER A 66 -4.06 10.18 -9.30
N ASP A 67 -3.66 11.31 -8.72
CA ASP A 67 -3.75 12.58 -9.44
C ASP A 67 -2.80 13.60 -8.84
N ALA A 68 -2.69 14.74 -9.50
CA ALA A 68 -1.67 15.72 -9.15
C ALA A 68 -2.21 17.03 -8.62
N ARG A 69 -3.52 17.27 -8.69
CA ARG A 69 -4.04 18.58 -8.34
C ARG A 69 -4.66 18.65 -6.95
N THR A 70 -5.13 17.52 -6.43
CA THR A 70 -5.91 17.50 -5.19
C THR A 70 -5.22 16.61 -4.19
N ALA A 71 -4.92 17.17 -3.00
CA ALA A 71 -4.36 16.42 -1.86
C ALA A 71 -5.22 16.83 -0.70
N PRO A 72 -6.47 16.38 -0.68
CA PRO A 72 -7.45 16.93 0.26
C PRO A 72 -7.01 16.76 1.70
N HIS A 73 -7.07 17.86 2.46
CA HIS A 73 -6.84 17.86 3.90
C HIS A 73 -5.47 17.30 4.26
N GLY A 74 -4.52 17.44 3.35
CA GLY A 74 -3.14 16.99 3.61
C GLY A 74 -2.92 15.53 3.23
N HIS A 75 -3.89 14.89 2.57
CA HIS A 75 -3.79 13.45 2.23
C HIS A 75 -3.61 13.26 0.72
N VAL A 76 -2.52 12.64 0.31
CA VAL A 76 -2.24 12.39 -1.13
C VAL A 76 -3.24 11.36 -1.67
N MET A 77 -3.89 11.66 -2.78
CA MET A 77 -4.82 10.67 -3.41
CA MET A 77 -4.82 10.66 -3.41
C MET A 77 -4.04 9.50 -4.09
N VAL A 78 -4.41 8.29 -3.68
CA VAL A 78 -3.68 7.09 -4.18
C VAL A 78 -4.65 5.99 -4.58
N GLU A 79 -4.11 5.03 -5.32
CA GLU A 79 -4.83 3.83 -5.65
CA GLU A 79 -4.83 3.82 -5.67
C GLU A 79 -3.88 2.63 -5.59
N LEU A 80 -4.47 1.43 -5.54
CA LEU A 80 -3.72 0.19 -5.42
C LEU A 80 -3.36 -0.40 -6.77
N VAL A 81 -2.12 -0.87 -6.90
CA VAL A 81 -1.66 -1.55 -8.10
C VAL A 81 -0.82 -2.73 -7.64
N ALA A 82 -1.08 -3.91 -8.17
CA ALA A 82 -0.33 -5.12 -7.84
C ALA A 82 0.69 -5.44 -8.93
N GLU A 83 1.74 -6.15 -8.53
CA GLU A 83 2.81 -6.57 -9.44
C GLU A 83 3.19 -8.02 -9.19
N LEU A 84 3.33 -8.79 -10.27
CA LEU A 84 3.80 -10.16 -10.17
C LEU A 84 4.64 -10.45 -11.42
N GLU A 85 5.88 -10.89 -11.19
CA GLU A 85 6.78 -11.28 -12.28
C GLU A 85 6.89 -10.19 -13.33
N GLY A 86 6.99 -8.94 -12.86
CA GLY A 86 7.25 -7.82 -13.73
C GLY A 86 6.04 -7.26 -14.42
N ILE A 87 4.86 -7.85 -14.22
CA ILE A 87 3.63 -7.37 -14.85
C ILE A 87 2.81 -6.68 -13.77
N GLN A 88 2.27 -5.51 -14.11
CA GLN A 88 1.47 -4.72 -13.20
C GLN A 88 0.01 -4.77 -13.59
N TYR A 89 -0.82 -4.73 -12.57
CA TYR A 89 -2.26 -4.91 -12.69
C TYR A 89 -2.82 -3.59 -12.15
N GLY A 90 -3.19 -2.72 -13.09
CA GLY A 90 -3.46 -1.30 -12.91
C GLY A 90 -2.36 -0.43 -13.52
N ARG A 91 -2.73 0.82 -13.86
CA ARG A 91 -1.73 1.83 -14.23
C ARG A 91 -2.02 3.08 -13.43
N SER A 92 -0.98 3.72 -12.91
CA SER A 92 -1.18 4.86 -12.03
C SER A 92 0.08 5.70 -12.01
N GLY A 93 0.19 6.60 -11.03
CA GLY A 93 1.29 7.54 -10.93
C GLY A 93 2.43 6.98 -10.11
N GLU A 94 3.13 7.86 -9.43
CA GLU A 94 4.36 7.46 -8.78
C GLU A 94 4.08 6.66 -7.50
N THR A 95 4.96 5.69 -7.23
CA THR A 95 4.81 4.85 -6.05
C THR A 95 5.11 5.61 -4.78
N LEU A 96 4.24 5.47 -3.78
CA LEU A 96 4.50 6.03 -2.44
C LEU A 96 5.14 4.94 -1.58
N GLY A 97 4.81 3.66 -1.85
CA GLY A 97 5.43 2.57 -1.13
C GLY A 97 4.70 1.27 -1.42
N VAL A 98 5.16 0.23 -0.73
CA VAL A 98 4.59 -1.11 -0.82
CA VAL A 98 4.61 -1.12 -0.81
C VAL A 98 3.82 -1.39 0.46
N LEU A 99 2.61 -1.91 0.34
CA LEU A 99 1.78 -2.23 1.49
C LEU A 99 2.12 -3.62 2.01
N VAL A 100 2.07 -3.77 3.33
CA VAL A 100 2.30 -5.04 4.02
C VAL A 100 1.34 -5.10 5.19
N PRO A 101 1.04 -6.31 5.67
CA PRO A 101 0.34 -6.40 6.95
C PRO A 101 1.11 -5.71 8.06
N HIS A 102 0.36 -5.10 8.97
CA HIS A 102 0.93 -4.55 10.18
C HIS A 102 0.48 -5.40 11.35
N VAL A 103 1.44 -5.95 12.08
CA VAL A 103 1.15 -6.84 13.21
C VAL A 103 1.80 -6.33 14.49
N GLY A 104 1.94 -5.02 14.64
CA GLY A 104 2.45 -4.42 15.86
C GLY A 104 3.85 -3.89 15.77
N GLU A 105 4.49 -3.91 14.60
CA GLU A 105 5.81 -3.29 14.44
C GLU A 105 5.73 -1.81 14.75
N ILE A 106 6.83 -1.26 15.27
CA ILE A 106 6.90 0.15 15.60
C ILE A 106 7.24 0.95 14.34
N PRO A 107 6.40 1.90 13.94
CA PRO A 107 6.67 2.67 12.72
C PRO A 107 7.71 3.77 12.95
N VAL A 108 8.21 4.30 11.83
CA VAL A 108 9.14 5.43 11.84
C VAL A 108 8.45 6.73 11.44
N ALA A 109 7.22 6.68 10.95
CA ALA A 109 6.46 7.85 10.50
C ALA A 109 5.07 7.35 10.16
N TYR A 110 4.20 8.30 9.84
CA TYR A 110 2.87 8.02 9.32
C TYR A 110 2.70 8.74 7.99
N ARG A 111 2.03 8.07 7.06
CA ARG A 111 1.79 8.65 5.72
C ARG A 111 0.28 8.85 5.52
N LYS A 112 -0.12 10.11 5.31
CA LYS A 112 -1.55 10.43 5.17
C LYS A 112 -1.94 10.27 3.70
N VAL A 113 -2.92 9.40 3.47
CA VAL A 113 -3.35 9.14 2.07
C VAL A 113 -4.87 9.21 1.96
N LEU A 114 -5.34 9.51 0.76
CA LEU A 114 -6.79 9.45 0.45
C LEU A 114 -6.90 8.30 -0.55
N LEU A 115 -7.36 7.16 -0.08
CA LEU A 115 -7.26 5.94 -0.85
C LEU A 115 -8.54 5.66 -1.61
N ARG A 116 -8.39 5.42 -2.90
CA ARG A 116 -9.50 4.98 -3.73
C ARG A 116 -9.88 3.55 -3.39
N LYS A 117 -11.12 3.38 -2.94
CA LYS A 117 -11.68 2.06 -2.72
C LYS A 117 -12.28 1.56 -4.02
N ASN A 118 -11.87 0.37 -4.42
CA ASN A 118 -12.12 -0.14 -5.77
C ASN A 118 -11.58 0.83 -6.83
F10 FBB B . -10.33 1.18 4.16
C5 FBB B . -10.67 0.47 3.05
C6 FBB B . -9.74 0.34 2.05
C1 FBB B . -10.03 -0.40 0.91
C4 FBB B . -11.93 -0.10 2.99
C3 FBB B . -12.22 -0.84 1.85
S9 FBB B . -13.67 -1.68 1.43
C8 FBB B . -13.01 -2.14 -0.11
N11 FBB B . -13.72 -2.81 -1.00
N7 FBB B . -11.76 -1.75 -0.32
C2 FBB B . -11.28 -0.98 0.79
#